data_8JK9
#
_entry.id   8JK9
#
_cell.length_a   69.302
_cell.length_b   69.302
_cell.length_c   88.561
_cell.angle_alpha   90.00
_cell.angle_beta   90.00
_cell.angle_gamma   120.00
#
_symmetry.space_group_name_H-M   'P 32 2 1'
#
loop_
_entity.id
_entity.type
_entity.pdbx_description
1 polymer "bis(5'-nucleosyl)-tetraphosphatase (symmetrical)"
2 non-polymer GLYCEROL
3 non-polymer 'FE (III) ION'
4 non-polymer "GUANOSINE-5'-DIPHOSPHATE"
5 non-polymer 'MAGNESIUM ION'
6 water water
#
_entity_poly.entity_id   1
_entity_poly.type   'polypeptide(L)'
_entity_poly.pdbx_seq_one_letter_code
;MSYQDYINCSREALLEKMAELLPEKRLTHCLGVERAAMELAQRFGVDVEKASLAGLLHDYAKKLSDQEFLVLIDRYQLDP
DLKNWGNNVWHGMVGIYKIQEDLDLHDSEILRAIEIHTVGAGQMTDLDKVIYVADYIEHNRAFPGVDVAREIASLSLNKA
VAYETARTVEYLAHQGFPIYPQTLETYNAFVHYLKEDLEENLYFQGHHHHHHHHHH
;
_entity_poly.pdbx_strand_id   A
#
loop_
_chem_comp.id
_chem_comp.type
_chem_comp.name
_chem_comp.formula
FE non-polymer 'FE (III) ION' 'Fe 3'
GDP RNA linking GUANOSINE-5'-DIPHOSPHATE 'C10 H15 N5 O11 P2'
GOL non-polymer GLYCEROL 'C3 H8 O3'
MG non-polymer 'MAGNESIUM ION' 'Mg 2'
#
# COMPACT_ATOMS: atom_id res chain seq x y z
N SER A 2 11.70 14.76 -10.20
CA SER A 2 11.32 13.64 -11.10
C SER A 2 11.48 12.30 -10.38
N TYR A 3 10.80 11.28 -10.89
CA TYR A 3 10.93 9.92 -10.34
C TYR A 3 12.37 9.38 -10.39
N GLN A 4 13.15 9.82 -11.38
CA GLN A 4 14.57 9.40 -11.48
C GLN A 4 15.41 9.89 -10.31
N ASP A 5 14.89 10.79 -9.49
CA ASP A 5 15.56 11.16 -8.23
C ASP A 5 15.55 10.03 -7.20
N TYR A 6 14.67 9.04 -7.41
CA TYR A 6 14.49 7.91 -6.48
C TYR A 6 14.71 6.53 -7.09
N ILE A 7 14.43 6.41 -8.39
CA ILE A 7 14.58 5.14 -9.09
C ILE A 7 15.50 5.26 -10.31
N ASN A 8 15.79 4.11 -10.92
CA ASN A 8 16.76 4.03 -12.02
C ASN A 8 16.20 4.23 -13.43
N CYS A 9 14.99 4.79 -13.53
CA CYS A 9 14.38 5.09 -14.81
C CYS A 9 13.35 6.20 -14.68
N SER A 10 12.91 6.72 -15.82
CA SER A 10 11.87 7.73 -15.88
C SER A 10 10.49 7.14 -15.58
N ARG A 11 9.53 8.01 -15.31
CA ARG A 11 8.16 7.57 -15.12
C ARG A 11 7.61 6.79 -16.33
N GLU A 12 7.85 7.31 -17.54
CA GLU A 12 7.42 6.61 -18.76
C GLU A 12 8.05 5.22 -18.88
N ALA A 13 9.36 5.12 -18.66
CA ALA A 13 10.08 3.85 -18.68
C ALA A 13 9.51 2.88 -17.62
N LEU A 14 9.24 3.40 -16.42
CA LEU A 14 8.61 2.60 -15.36
C LEU A 14 7.24 2.04 -15.78
N LEU A 15 6.40 2.88 -16.38
CA LEU A 15 5.09 2.46 -16.84
C LEU A 15 5.18 1.35 -17.88
N GLU A 16 6.17 1.45 -18.79
CA GLU A 16 6.40 0.42 -19.80
C GLU A 16 6.79 -0.90 -19.14
N LYS A 17 7.64 -0.84 -18.12
CA LYS A 17 8.05 -2.02 -17.36
C LYS A 17 6.86 -2.65 -16.62
N MET A 18 6.08 -1.82 -15.94
CA MET A 18 4.93 -2.30 -15.16
C MET A 18 3.85 -2.93 -16.04
N ALA A 19 3.70 -2.41 -17.26
CA ALA A 19 2.72 -2.94 -18.21
C ALA A 19 3.04 -4.36 -18.64
N GLU A 20 4.30 -4.78 -18.51
CA GLU A 20 4.65 -6.16 -18.81
C GLU A 20 4.56 -7.06 -17.59
N LEU A 21 4.60 -6.47 -16.40
CA LEU A 21 4.54 -7.23 -15.16
C LEU A 21 3.12 -7.46 -14.63
N LEU A 22 2.24 -6.52 -14.92
CA LEU A 22 0.90 -6.46 -14.32
C LEU A 22 -0.20 -6.54 -15.36
N PRO A 23 -1.35 -7.19 -15.01
CA PRO A 23 -2.53 -7.10 -15.88
C PRO A 23 -2.99 -5.65 -15.99
N GLU A 24 -3.70 -5.33 -17.08
CA GLU A 24 -4.19 -3.97 -17.34
C GLU A 24 -4.94 -3.38 -16.13
N LYS A 25 -5.87 -4.15 -15.58
CA LYS A 25 -6.71 -3.71 -14.45
C LYS A 25 -5.84 -3.29 -13.28
N ARG A 26 -4.79 -4.05 -13.02
CA ARG A 26 -3.88 -3.77 -11.91
C ARG A 26 -3.03 -2.52 -12.18
N LEU A 27 -2.55 -2.34 -13.41
CA LEU A 27 -1.81 -1.11 -13.74
C LEU A 27 -2.71 0.13 -13.66
N THR A 28 -3.93 0.02 -14.17
CA THR A 28 -4.94 1.09 -14.04
C THR A 28 -5.18 1.46 -12.56
N HIS A 29 -5.27 0.43 -11.71
CA HIS A 29 -5.37 0.64 -10.27
C HIS A 29 -4.16 1.43 -9.74
N CYS A 30 -2.95 1.01 -10.10
CA CYS A 30 -1.75 1.71 -9.65
C CYS A 30 -1.74 3.17 -10.09
N LEU A 31 -2.16 3.44 -11.33
CA LEU A 31 -2.33 4.81 -11.80
C LEU A 31 -3.36 5.57 -10.98
N GLY A 32 -4.44 4.90 -10.60
CA GLY A 32 -5.45 5.50 -9.72
C GLY A 32 -4.89 5.87 -8.35
N VAL A 33 -4.08 4.98 -7.79
CA VAL A 33 -3.45 5.22 -6.49
C VAL A 33 -2.41 6.36 -6.57
N GLU A 34 -1.65 6.40 -7.66
CA GLU A 34 -0.71 7.52 -7.91
C GLU A 34 -1.44 8.86 -7.82
N ARG A 35 -2.58 8.97 -8.51
CA ARG A 35 -3.39 10.20 -8.50
C ARG A 35 -4.00 10.50 -7.13
N ALA A 36 -4.59 9.48 -6.50
CA ALA A 36 -5.23 9.65 -5.20
C ALA A 36 -4.22 10.03 -4.13
N ALA A 37 -3.03 9.43 -4.22
CA ALA A 37 -1.96 9.73 -3.28
C ALA A 37 -1.53 11.18 -3.42
N MET A 38 -1.39 11.67 -4.65
N MET A 38 -1.45 11.67 -4.65
CA MET A 38 -1.06 13.09 -4.87
CA MET A 38 -1.08 13.06 -4.88
C MET A 38 -2.09 13.99 -4.18
C MET A 38 -2.09 13.99 -4.20
N GLU A 39 -3.37 13.71 -4.39
CA GLU A 39 -4.46 14.52 -3.82
C GLU A 39 -4.45 14.53 -2.29
N LEU A 40 -4.28 13.33 -1.72
CA LEU A 40 -4.21 13.20 -0.28
C LEU A 40 -2.98 13.89 0.29
N ALA A 41 -1.86 13.82 -0.41
CA ALA A 41 -0.62 14.42 0.10
C ALA A 41 -0.71 15.95 0.12
N GLN A 42 -1.34 16.50 -0.92
CA GLN A 42 -1.63 17.94 -0.98
C GLN A 42 -2.48 18.36 0.21
N ARG A 43 -3.47 17.53 0.55
CA ARG A 43 -4.42 17.88 1.60
C ARG A 43 -3.80 17.82 3.00
N PHE A 44 -2.91 16.85 3.22
CA PHE A 44 -2.42 16.51 4.54
C PHE A 44 -0.93 16.76 4.82
N GLY A 45 -0.28 17.50 3.91
CA GLY A 45 1.08 18.01 4.16
C GLY A 45 2.17 16.97 4.01
N VAL A 46 2.02 16.12 2.99
CA VAL A 46 2.98 15.10 2.62
C VAL A 46 3.59 15.44 1.26
N ASP A 47 4.89 15.19 1.10
CA ASP A 47 5.59 15.40 -0.18
C ASP A 47 4.82 14.71 -1.32
N VAL A 48 4.31 15.50 -2.26
CA VAL A 48 3.44 14.96 -3.33
C VAL A 48 4.14 13.97 -4.25
N GLU A 49 5.45 14.16 -4.43
CA GLU A 49 6.24 13.32 -5.31
C GLU A 49 6.51 11.97 -4.67
N LYS A 50 6.90 11.97 -3.40
CA LYS A 50 7.10 10.70 -2.67
C LYS A 50 5.78 9.94 -2.61
N ALA A 51 4.68 10.66 -2.39
CA ALA A 51 3.36 10.03 -2.38
C ALA A 51 2.97 9.44 -3.73
N SER A 52 3.14 10.20 -4.79
CA SER A 52 2.77 9.76 -6.14
C SER A 52 3.57 8.52 -6.54
N LEU A 53 4.88 8.55 -6.31
CA LEU A 53 5.75 7.43 -6.66
C LEU A 53 5.41 6.19 -5.84
N ALA A 54 5.25 6.35 -4.53
CA ALA A 54 4.88 5.21 -3.69
C ALA A 54 3.52 4.68 -4.10
N GLY A 55 2.61 5.58 -4.48
CA GLY A 55 1.27 5.18 -4.94
C GLY A 55 1.34 4.35 -6.22
N LEU A 56 2.12 4.81 -7.18
CA LEU A 56 2.28 4.09 -8.44
C LEU A 56 2.90 2.70 -8.21
N LEU A 57 3.89 2.65 -7.33
CA LEU A 57 4.66 1.42 -7.09
C LEU A 57 4.03 0.42 -6.13
N HIS A 58 2.98 0.81 -5.41
CA HIS A 58 2.60 0.04 -4.21
C HIS A 58 2.27 -1.43 -4.53
N ASP A 59 1.64 -1.69 -5.68
CA ASP A 59 1.28 -3.04 -6.10
C ASP A 59 2.19 -3.63 -7.20
N TYR A 60 3.39 -3.10 -7.34
CA TYR A 60 4.39 -3.56 -8.31
C TYR A 60 4.64 -5.08 -8.27
N ALA A 61 4.65 -5.62 -7.04
CA ALA A 61 4.94 -7.05 -6.80
C ALA A 61 3.70 -7.93 -6.69
N LYS A 62 2.53 -7.40 -7.03
CA LYS A 62 1.26 -8.12 -6.84
C LYS A 62 1.24 -9.52 -7.48
N LYS A 63 1.94 -9.66 -8.61
CA LYS A 63 1.92 -10.89 -9.40
C LYS A 63 3.13 -11.83 -9.25
N LEU A 64 4.06 -11.52 -8.34
CA LEU A 64 5.15 -12.47 -8.08
C LEU A 64 4.59 -13.80 -7.60
N SER A 65 5.25 -14.90 -7.98
CA SER A 65 4.84 -16.24 -7.55
C SER A 65 5.11 -16.45 -6.07
N ASP A 66 4.42 -17.41 -5.47
CA ASP A 66 4.67 -17.82 -4.08
C ASP A 66 6.14 -18.20 -3.92
N GLN A 67 6.66 -18.97 -4.87
CA GLN A 67 8.05 -19.38 -4.79
C GLN A 67 9.02 -18.21 -4.80
N GLU A 68 8.73 -17.19 -5.61
CA GLU A 68 9.55 -15.97 -5.64
C GLU A 68 9.58 -15.26 -4.28
N PHE A 69 8.40 -15.14 -3.65
CA PHE A 69 8.30 -14.54 -2.33
C PHE A 69 9.08 -15.34 -1.30
N LEU A 70 8.96 -16.67 -1.34
CA LEU A 70 9.67 -17.53 -0.38
C LEU A 70 11.19 -17.39 -0.53
N VAL A 71 11.65 -17.29 -1.77
CA VAL A 71 13.07 -17.04 -2.07
C VAL A 71 13.54 -15.71 -1.46
N LEU A 72 12.71 -14.66 -1.61
CA LEU A 72 13.04 -13.35 -1.05
C LEU A 72 13.10 -13.35 0.48
N ILE A 73 12.18 -14.07 1.12
CA ILE A 73 12.17 -14.21 2.59
C ILE A 73 13.49 -14.81 3.08
N ASP A 74 13.95 -15.86 2.42
CA ASP A 74 15.23 -16.51 2.75
C ASP A 74 16.41 -15.59 2.47
N ARG A 75 16.45 -15.05 1.26
CA ARG A 75 17.54 -14.20 0.81
C ARG A 75 17.79 -13.00 1.73
N TYR A 76 16.71 -12.34 2.13
CA TYR A 76 16.79 -11.16 3.00
C TYR A 76 16.64 -11.48 4.49
N GLN A 77 16.53 -12.78 4.80
CA GLN A 77 16.40 -13.28 6.17
C GLN A 77 15.33 -12.54 6.91
N LEU A 78 14.16 -12.50 6.30
CA LEU A 78 13.02 -11.84 6.90
C LEU A 78 12.39 -12.73 7.96
N ASP A 79 11.52 -12.14 8.77
CA ASP A 79 10.73 -12.88 9.75
C ASP A 79 10.26 -14.25 9.20
N PRO A 80 10.74 -15.37 9.79
CA PRO A 80 10.36 -16.66 9.20
C PRO A 80 8.86 -16.99 9.28
N ASP A 81 8.15 -16.34 10.20
CA ASP A 81 6.69 -16.47 10.27
C ASP A 81 6.01 -16.03 8.97
N LEU A 82 6.68 -15.18 8.18
CA LEU A 82 6.09 -14.77 6.89
C LEU A 82 5.74 -15.96 5.97
N LYS A 83 6.46 -17.07 6.09
CA LYS A 83 6.16 -18.24 5.25
C LYS A 83 4.79 -18.88 5.53
N ASN A 84 4.18 -18.53 6.65
CA ASN A 84 2.84 -19.04 7.00
C ASN A 84 1.71 -18.24 6.38
N TRP A 85 2.04 -17.27 5.53
CA TRP A 85 1.02 -16.37 4.97
C TRP A 85 1.01 -16.50 3.44
N GLY A 86 0.65 -15.44 2.74
CA GLY A 86 0.48 -15.52 1.29
C GLY A 86 0.54 -14.15 0.66
N ASN A 87 0.18 -14.11 -0.62
CA ASN A 87 0.33 -12.92 -1.45
C ASN A 87 -0.20 -11.65 -0.79
N ASN A 88 -1.33 -11.73 -0.11
CA ASN A 88 -1.91 -10.55 0.57
C ASN A 88 -0.90 -9.86 1.50
N VAL A 89 -0.24 -10.65 2.35
CA VAL A 89 0.80 -10.12 3.23
C VAL A 89 2.09 -9.85 2.44
N TRP A 90 2.48 -10.77 1.55
CA TRP A 90 3.78 -10.70 0.89
C TRP A 90 3.99 -9.54 -0.07
N HIS A 91 2.96 -9.17 -0.83
CA HIS A 91 3.23 -8.31 -2.00
C HIS A 91 3.78 -6.94 -1.61
N GLY A 92 3.33 -6.43 -0.46
CA GLY A 92 3.96 -5.25 0.14
C GLY A 92 5.11 -5.59 1.06
N MET A 93 4.88 -6.45 2.04
CA MET A 93 5.87 -6.69 3.11
C MET A 93 7.19 -7.30 2.61
N VAL A 94 7.09 -8.13 1.59
CA VAL A 94 8.25 -8.80 0.98
C VAL A 94 8.55 -8.20 -0.41
N GLY A 95 7.50 -7.80 -1.13
CA GLY A 95 7.65 -7.26 -2.48
C GLY A 95 8.55 -6.04 -2.60
N ILE A 96 8.66 -5.26 -1.52
CA ILE A 96 9.59 -4.12 -1.51
C ILE A 96 11.00 -4.51 -1.93
N TYR A 97 11.45 -5.71 -1.58
CA TYR A 97 12.79 -6.16 -1.96
C TYR A 97 12.94 -6.38 -3.45
N LYS A 98 11.89 -6.83 -4.12
CA LYS A 98 11.91 -6.95 -5.57
C LYS A 98 11.88 -5.58 -6.24
N ILE A 99 11.07 -4.67 -5.71
CA ILE A 99 11.05 -3.29 -6.19
C ILE A 99 12.46 -2.68 -6.09
N GLN A 100 13.09 -2.87 -4.95
CA GLN A 100 14.44 -2.37 -4.71
C GLN A 100 15.44 -2.95 -5.70
N GLU A 101 15.40 -4.26 -5.91
CA GLU A 101 16.31 -4.90 -6.88
C GLU A 101 16.13 -4.36 -8.30
N ASP A 102 14.86 -4.30 -8.75
CA ASP A 102 14.55 -3.90 -10.13
C ASP A 102 14.81 -2.41 -10.40
N LEU A 103 14.44 -1.56 -9.45
CA LEU A 103 14.36 -0.12 -9.68
C LEU A 103 15.41 0.70 -8.95
N ASP A 104 16.22 0.04 -8.13
CA ASP A 104 17.24 0.72 -7.31
C ASP A 104 16.59 1.74 -6.35
N LEU A 105 15.42 1.35 -5.83
CA LEU A 105 14.72 2.15 -4.82
C LEU A 105 15.31 1.91 -3.44
N HIS A 106 15.91 2.96 -2.88
CA HIS A 106 16.51 2.88 -1.55
C HIS A 106 15.95 3.89 -0.55
N ASP A 107 15.06 4.78 -1.00
CA ASP A 107 14.46 5.77 -0.12
C ASP A 107 13.65 5.06 0.98
N SER A 108 14.08 5.23 2.23
CA SER A 108 13.46 4.52 3.36
C SER A 108 11.98 4.83 3.55
N GLU A 109 11.58 6.10 3.37
CA GLU A 109 10.18 6.51 3.54
C GLU A 109 9.24 5.89 2.51
N ILE A 110 9.66 5.91 1.25
CA ILE A 110 8.89 5.32 0.15
C ILE A 110 8.78 3.79 0.36
N LEU A 111 9.90 3.16 0.68
CA LEU A 111 9.92 1.71 0.92
C LEU A 111 8.98 1.31 2.04
N ARG A 112 9.00 2.04 3.15
CA ARG A 112 8.16 1.73 4.30
C ARG A 112 6.68 1.89 3.93
N ALA A 113 6.34 2.94 3.17
CA ALA A 113 4.94 3.16 2.78
C ALA A 113 4.41 2.05 1.90
N ILE A 114 5.24 1.53 0.99
CA ILE A 114 4.84 0.38 0.18
C ILE A 114 4.78 -0.89 1.05
N GLU A 115 5.78 -1.07 1.92
CA GLU A 115 5.90 -2.26 2.78
C GLU A 115 4.63 -2.58 3.53
N ILE A 116 4.03 -1.55 4.13
CA ILE A 116 2.90 -1.72 5.04
C ILE A 116 1.57 -1.29 4.42
N HIS A 117 1.53 -1.12 3.09
CA HIS A 117 0.31 -0.58 2.45
C HIS A 117 -0.95 -1.45 2.63
N THR A 118 -0.75 -2.75 2.85
CA THR A 118 -1.88 -3.66 2.99
C THR A 118 -2.35 -3.76 4.45
N VAL A 119 -1.40 -3.95 5.35
CA VAL A 119 -1.67 -4.26 6.75
C VAL A 119 -1.56 -3.06 7.70
N GLY A 120 -0.89 -2.00 7.25
CA GLY A 120 -0.58 -0.84 8.10
C GLY A 120 0.40 -1.18 9.21
N ALA A 121 0.52 -0.29 10.18
CA ALA A 121 1.23 -0.57 11.43
C ALA A 121 0.62 0.25 12.57
N GLY A 122 1.01 -0.07 13.79
CA GLY A 122 0.58 0.69 14.98
C GLY A 122 1.05 2.13 14.94
N GLN A 123 2.24 2.33 14.37
CA GLN A 123 2.81 3.66 14.13
C GLN A 123 3.01 3.82 12.62
N MET A 124 2.34 4.81 12.05
CA MET A 124 2.42 5.07 10.62
C MET A 124 2.79 6.54 10.43
N THR A 125 3.72 6.78 9.52
CA THR A 125 4.02 8.15 9.09
C THR A 125 2.84 8.67 8.28
N ASP A 126 2.75 9.99 8.08
CA ASP A 126 1.70 10.51 7.22
C ASP A 126 1.79 9.97 5.79
N LEU A 127 3.01 9.75 5.29
CA LEU A 127 3.19 9.14 3.97
C LEU A 127 2.59 7.74 3.95
N ASP A 128 2.89 6.94 4.99
CA ASP A 128 2.32 5.60 5.12
C ASP A 128 0.80 5.64 5.05
N LYS A 129 0.20 6.58 5.80
CA LYS A 129 -1.26 6.71 5.85
C LYS A 129 -1.84 7.12 4.51
N VAL A 130 -1.19 8.06 3.83
CA VAL A 130 -1.60 8.49 2.51
C VAL A 130 -1.67 7.31 1.54
N ILE A 131 -0.66 6.44 1.54
CA ILE A 131 -0.66 5.30 0.60
C ILE A 131 -1.73 4.28 0.98
N TYR A 132 -1.81 3.99 2.27
CA TYR A 132 -2.78 3.05 2.83
C TYR A 132 -4.22 3.47 2.44
N VAL A 133 -4.51 4.77 2.55
CA VAL A 133 -5.84 5.29 2.22
C VAL A 133 -6.05 5.45 0.71
N ALA A 134 -5.04 6.00 0.00
CA ALA A 134 -5.11 6.15 -1.46
C ALA A 134 -5.48 4.86 -2.17
N ASP A 135 -4.89 3.77 -1.70
CA ASP A 135 -5.13 2.45 -2.23
C ASP A 135 -6.62 2.07 -2.18
N TYR A 136 -7.26 2.46 -1.09
CA TYR A 136 -8.64 2.09 -0.79
C TYR A 136 -9.66 2.96 -1.52
N ILE A 137 -9.29 4.22 -1.79
CA ILE A 137 -10.28 5.19 -2.29
C ILE A 137 -10.07 5.59 -3.74
N GLU A 138 -9.03 5.07 -4.38
CA GLU A 138 -8.72 5.48 -5.77
C GLU A 138 -9.94 5.32 -6.68
N HIS A 139 -10.03 6.21 -7.69
CA HIS A 139 -11.23 6.39 -8.52
C HIS A 139 -11.84 5.10 -9.14
N ASN A 140 -11.00 4.11 -9.45
CA ASN A 140 -11.46 2.87 -10.07
C ASN A 140 -12.16 1.90 -9.09
N ARG A 141 -11.94 2.09 -7.78
CA ARG A 141 -12.56 1.24 -6.76
C ARG A 141 -14.05 1.43 -6.72
N ALA A 142 -14.75 0.30 -6.64
CA ALA A 142 -16.19 0.24 -6.53
C ALA A 142 -16.47 -0.97 -5.66
N PHE A 143 -16.53 -0.70 -4.35
CA PHE A 143 -16.98 -1.65 -3.35
C PHE A 143 -17.96 -0.91 -2.43
N PRO A 144 -18.88 -1.65 -1.77
CA PRO A 144 -19.90 -0.92 -0.99
C PRO A 144 -19.24 -0.14 0.14
N GLY A 145 -19.57 1.15 0.25
CA GLY A 145 -19.02 2.01 1.30
C GLY A 145 -17.77 2.75 0.90
N VAL A 146 -17.26 2.51 -0.31
CA VAL A 146 -16.16 3.34 -0.82
C VAL A 146 -16.50 4.84 -0.76
N ASP A 147 -17.78 5.20 -0.92
CA ASP A 147 -18.21 6.60 -0.80
C ASP A 147 -17.98 7.18 0.60
N VAL A 148 -18.20 6.35 1.62
CA VAL A 148 -18.00 6.76 3.02
C VAL A 148 -16.51 7.01 3.24
N ALA A 149 -15.69 6.07 2.75
CA ALA A 149 -14.25 6.19 2.87
C ALA A 149 -13.75 7.48 2.20
N ARG A 150 -14.28 7.77 1.03
CA ARG A 150 -13.92 9.00 0.29
C ARG A 150 -14.29 10.26 1.07
N GLU A 151 -15.48 10.28 1.67
CA GLU A 151 -15.90 11.44 2.44
C GLU A 151 -15.00 11.65 3.65
N ILE A 152 -14.74 10.57 4.38
CA ILE A 152 -13.87 10.64 5.56
C ILE A 152 -12.47 11.14 5.18
N ALA A 153 -11.95 10.62 4.07
CA ALA A 153 -10.61 10.98 3.58
C ALA A 153 -10.51 12.46 3.18
N SER A 154 -11.63 13.08 2.86
CA SER A 154 -11.66 14.53 2.56
C SER A 154 -11.45 15.39 3.80
N LEU A 155 -11.63 14.80 4.99
CA LEU A 155 -11.64 15.50 6.27
C LEU A 155 -10.51 15.13 7.22
N SER A 156 -10.21 13.83 7.33
CA SER A 156 -9.25 13.33 8.32
C SER A 156 -8.51 12.11 7.81
N LEU A 157 -7.19 12.22 7.78
CA LEU A 157 -6.34 11.12 7.38
C LEU A 157 -6.41 9.97 8.40
N ASN A 158 -6.30 10.31 9.68
CA ASN A 158 -6.39 9.31 10.75
C ASN A 158 -7.72 8.59 10.77
N LYS A 159 -8.83 9.33 10.63
CA LYS A 159 -10.14 8.67 10.62
C LYS A 159 -10.29 7.77 9.38
N ALA A 160 -9.67 8.16 8.27
CA ALA A 160 -9.75 7.36 7.05
C ALA A 160 -9.00 6.03 7.23
N VAL A 161 -7.85 6.08 7.88
CA VAL A 161 -7.09 4.85 8.22
C VAL A 161 -7.96 3.96 9.12
N ALA A 162 -8.56 4.58 10.13
CA ALA A 162 -9.43 3.91 11.10
C ALA A 162 -10.57 3.19 10.41
N TYR A 163 -11.26 3.91 9.54
CA TYR A 163 -12.40 3.36 8.81
C TYR A 163 -11.97 2.16 7.96
N GLU A 164 -10.91 2.34 7.19
CA GLU A 164 -10.43 1.26 6.32
C GLU A 164 -10.02 0.01 7.12
N THR A 165 -9.26 0.21 8.20
N THR A 165 -9.27 0.21 8.20
CA THR A 165 -8.77 -0.93 8.99
CA THR A 165 -8.81 -0.94 8.97
C THR A 165 -9.93 -1.69 9.65
C THR A 165 -9.96 -1.69 9.62
N ALA A 166 -10.91 -0.95 10.16
CA ALA A 166 -12.08 -1.57 10.81
C ALA A 166 -12.89 -2.36 9.78
N ARG A 167 -13.12 -1.77 8.61
CA ARG A 167 -13.88 -2.45 7.56
C ARG A 167 -13.14 -3.69 7.06
N THR A 168 -11.81 -3.61 7.00
CA THR A 168 -11.00 -4.75 6.57
C THR A 168 -11.04 -5.91 7.58
N VAL A 169 -10.82 -5.59 8.86
CA VAL A 169 -10.93 -6.62 9.91
C VAL A 169 -12.32 -7.25 9.90
N GLU A 170 -13.34 -6.40 9.83
CA GLU A 170 -14.73 -6.87 9.78
C GLU A 170 -14.94 -7.84 8.63
N TYR A 171 -14.45 -7.47 7.43
CA TYR A 171 -14.69 -8.30 6.28
C TYR A 171 -13.89 -9.59 6.33
N LEU A 172 -12.66 -9.52 6.84
CA LEU A 172 -11.85 -10.74 6.96
C LEU A 172 -12.54 -11.77 7.86
N ALA A 173 -13.08 -11.30 8.99
CA ALA A 173 -13.81 -12.19 9.91
C ALA A 173 -15.13 -12.66 9.29
N HIS A 174 -15.80 -11.78 8.55
CA HIS A 174 -17.01 -12.14 7.82
C HIS A 174 -16.74 -13.31 6.86
N GLN A 175 -15.60 -13.23 6.17
CA GLN A 175 -15.24 -14.20 5.12
C GLN A 175 -14.60 -15.45 5.71
N GLY A 176 -14.09 -15.35 6.94
CA GLY A 176 -13.40 -16.46 7.58
C GLY A 176 -11.94 -16.62 7.16
N PHE A 177 -11.26 -15.50 6.93
CA PHE A 177 -9.85 -15.50 6.56
C PHE A 177 -8.95 -15.13 7.73
N PRO A 178 -7.74 -15.72 7.81
CA PRO A 178 -6.79 -15.37 8.90
C PRO A 178 -6.42 -13.90 8.86
N ILE A 179 -6.27 -13.29 10.05
CA ILE A 179 -5.97 -11.86 10.16
C ILE A 179 -4.52 -11.75 10.61
N TYR A 180 -3.71 -11.09 9.79
CA TYR A 180 -2.30 -10.89 10.11
C TYR A 180 -2.14 -10.09 11.40
N PRO A 181 -1.25 -10.52 12.32
CA PRO A 181 -1.18 -9.77 13.57
C PRO A 181 -0.89 -8.27 13.44
N GLN A 182 -0.09 -7.89 12.45
CA GLN A 182 0.19 -6.46 12.24
C GLN A 182 -1.08 -5.68 11.87
N THR A 183 -1.99 -6.33 11.15
CA THR A 183 -3.32 -5.75 10.87
C THR A 183 -4.05 -5.37 12.16
N LEU A 184 -4.01 -6.27 13.15
CA LEU A 184 -4.64 -5.98 14.43
C LEU A 184 -3.95 -4.82 15.14
N GLU A 185 -2.63 -4.74 15.02
CA GLU A 185 -1.86 -3.65 15.61
C GLU A 185 -2.37 -2.31 15.07
N THR A 186 -2.58 -2.24 13.76
CA THR A 186 -3.11 -1.05 13.11
C THR A 186 -4.52 -0.76 13.62
N TYR A 187 -5.35 -1.80 13.60
CA TYR A 187 -6.73 -1.68 14.05
C TYR A 187 -6.82 -1.10 15.47
N ASN A 188 -6.10 -1.71 16.42
CA ASN A 188 -6.19 -1.25 17.80
C ASN A 188 -5.62 0.14 17.99
N ALA A 189 -4.63 0.50 17.17
CA ALA A 189 -4.03 1.83 17.29
C ALA A 189 -4.94 2.93 16.76
N PHE A 190 -5.71 2.63 15.72
CA PHE A 190 -6.50 3.67 15.03
C PHE A 190 -8.00 3.67 15.30
N VAL A 191 -8.55 2.57 15.80
CA VAL A 191 -10.03 2.46 15.90
C VAL A 191 -10.72 3.59 16.69
N HIS A 192 -10.03 4.14 17.69
CA HIS A 192 -10.55 5.28 18.49
C HIS A 192 -10.94 6.50 17.65
N TYR A 193 -10.30 6.69 16.49
CA TYR A 193 -10.61 7.82 15.61
C TYR A 193 -12.03 7.76 15.03
N LEU A 194 -12.65 6.59 15.11
CA LEU A 194 -14.02 6.47 14.65
C LEU A 194 -15.01 7.18 15.57
N LYS A 195 -14.52 7.66 16.70
CA LYS A 195 -15.33 8.50 17.59
C LYS A 195 -15.14 9.97 17.23
N GLU A 196 -14.17 10.26 16.36
CA GLU A 196 -13.85 11.61 15.90
C GLU A 196 -14.95 12.18 15.00
C1 GOL B . -3.24 -19.32 9.79
O1 GOL B . -4.20 -18.82 10.73
C2 GOL B . -2.11 -18.30 9.62
O2 GOL B . -1.14 -18.49 10.66
C3 GOL B . -1.41 -18.49 8.29
O3 GOL B . -2.27 -18.14 7.20
FE FE C . -3.52 -1.68 -4.35
FE FE D . -1.77 -4.14 -2.49
PB GDP E . -4.83 -4.49 -3.40
O1B GDP E . -5.02 -3.21 -4.17
O2B GDP E . -5.91 -5.50 -3.72
O3B GDP E . -3.43 -5.06 -3.47
O3A GDP E . -5.17 -4.09 -1.87
PA GDP E . -4.39 -4.46 -0.51
O1A GDP E . -2.92 -4.67 -0.74
O2A GDP E . -4.82 -3.49 0.56
O5' GDP E . -5.05 -5.86 -0.07
C5' GDP E . -5.04 -7.05 -0.82
C4' GDP E . -5.91 -8.09 -0.11
O4' GDP E . -5.28 -8.36 1.15
C3' GDP E . -7.34 -7.65 0.19
O3' GDP E . -8.27 -8.68 -0.22
C2' GDP E . -7.36 -7.44 1.69
O2' GDP E . -8.63 -7.64 2.32
C1' GDP E . -6.31 -8.47 2.12
N9 GDP E . -5.85 -8.33 3.51
C8 GDP E . -5.58 -7.19 4.17
N7 GDP E . -5.20 -7.47 5.45
C5 GDP E . -5.26 -8.80 5.58
C6 GDP E . -5.00 -9.77 6.64
O6 GDP E . -4.65 -9.38 7.76
N1 GDP E . -5.19 -11.08 6.37
C2 GDP E . -5.60 -11.52 5.16
N2 GDP E . -5.77 -12.85 4.96
N3 GDP E . -5.83 -10.69 4.11
C4 GDP E . -5.67 -9.36 4.29
C1 GOL F . -6.87 -16.23 2.81
O1 GOL F . -5.50 -15.95 3.13
C2 GOL F . -7.49 -15.06 2.03
O2 GOL F . -7.00 -13.81 2.53
C3 GOL F . -7.16 -15.20 0.55
O3 GOL F . -7.89 -14.20 -0.17
MG MG G . 1.25 -6.54 1.44
MG MG H . 1.59 -4.59 3.47
#